data_3I8D
#
_entry.id   3I8D
#
_cell.length_a   96.178
_cell.length_b   66.714
_cell.length_c   77.571
_cell.angle_alpha   90.00
_cell.angle_beta   121.04
_cell.angle_gamma   90.00
#
_symmetry.space_group_name_H-M   'C 1 2 1'
#
loop_
_entity.id
_entity.type
_entity.pdbx_description
1 polymer 'Ribonuclease H'
2 polymer "5'-D(*CP*GP*CP*GP*AP*AP*TP*(DFT)P*CP*GP*CP*G)-3'"
3 non-polymer GLYCEROL
4 water water
#
loop_
_entity_poly.entity_id
_entity_poly.type
_entity_poly.pdbx_seq_one_letter_code
_entity_poly.pdbx_strand_id
1 'polypeptide(L)'
;EIIWESLSVDVGSQGNPGIVEYKGVDTKTGEVLFEREPIPIGTNNMGEFLAIVHGLRYLKERNSRKPIYSNSQTAIKWVK
DKKAKSTLVRNEETALIWKLVDEAEEWLNTHTYETPILKWQTDKWGEIKADY
;
A,C
2 'polydeoxyribonucleotide' (DC)(DG)(DC)(DG)(DA)(DA)(DT)(DFT)(DC)(DG)(DC)(DG) B,D
#
loop_
_chem_comp.id
_chem_comp.type
_chem_comp.name
_chem_comp.formula
DA DNA linking 2'-DEOXYADENOSINE-5'-MONOPHOSPHATE 'C10 H14 N5 O6 P'
DC DNA linking 2'-DEOXYCYTIDINE-5'-MONOPHOSPHATE 'C9 H14 N3 O7 P'
DFT DNA linking 1-[2-DEOXYRIBOFURANOSYL]-2,4-DIFLUORO-5-METHYL-BENZENE-5'MONOPHOSPHATE 'C12 H15 F2 O6 P'
DG DNA linking 2'-DEOXYGUANOSINE-5'-MONOPHOSPHATE 'C10 H14 N5 O7 P'
DT DNA linking THYMIDINE-5'-MONOPHOSPHATE 'C10 H15 N2 O8 P'
GOL non-polymer GLYCEROL 'C3 H8 O3'
#
# COMPACT_ATOMS: atom_id res chain seq x y z
N GLU A 1 1.68 -11.28 16.53
CA GLU A 1 0.37 -11.82 16.07
C GLU A 1 0.05 -11.55 14.57
N ILE A 2 -1.23 -11.33 14.28
CA ILE A 2 -1.79 -11.47 12.93
C ILE A 2 -1.83 -10.16 12.10
N ILE A 3 -1.31 -10.18 10.88
CA ILE A 3 -1.56 -9.08 9.94
C ILE A 3 -2.89 -9.32 9.21
N TRP A 4 -3.95 -8.59 9.57
CA TRP A 4 -5.25 -8.85 8.96
C TRP A 4 -5.34 -8.36 7.51
N GLU A 5 -4.52 -7.32 7.17
CA GLU A 5 -4.40 -6.85 5.80
C GLU A 5 -3.45 -7.74 5.06
N SER A 6 -3.98 -8.90 4.65
CA SER A 6 -3.14 -9.96 4.09
C SER A 6 -4.00 -10.83 3.16
N LEU A 7 -3.33 -11.75 2.50
CA LEU A 7 -3.93 -12.71 1.66
C LEU A 7 -3.72 -14.08 2.29
N SER A 8 -4.78 -14.87 2.35
CA SER A 8 -4.67 -16.27 2.89
C SER A 8 -4.94 -17.12 1.73
N VAL A 9 -4.12 -18.16 1.53
CA VAL A 9 -4.27 -19.05 0.39
C VAL A 9 -4.52 -20.47 0.93
N ASP A 10 -5.48 -21.15 0.31
CA ASP A 10 -5.88 -22.46 0.88
C ASP A 10 -6.04 -23.43 -0.26
N VAL A 11 -5.81 -24.68 0.02
CA VAL A 11 -6.02 -25.77 -0.92
C VAL A 11 -7.19 -26.64 -0.49
N GLY A 12 -7.86 -27.21 -1.50
CA GLY A 12 -9.04 -28.10 -1.28
C GLY A 12 -8.73 -29.38 -2.00
N SER A 13 -8.82 -30.49 -1.25
CA SER A 13 -8.67 -31.77 -1.93
C SER A 13 -9.73 -32.91 -1.75
N GLN A 14 -10.02 -33.27 -0.51
CA GLN A 14 -10.58 -34.73 -0.24
C GLN A 14 -9.50 -35.86 -0.62
N GLY A 15 -9.68 -36.58 -1.71
CA GLY A 15 -8.71 -37.68 -2.07
C GLY A 15 -7.31 -37.06 -2.32
N ASN A 16 -6.27 -37.60 -1.70
CA ASN A 16 -4.89 -37.05 -1.89
C ASN A 16 -3.93 -38.21 -2.15
N PRO A 17 -3.49 -38.47 -3.39
CA PRO A 17 -3.70 -37.59 -4.51
C PRO A 17 -5.16 -37.67 -5.03
N GLY A 18 -5.60 -36.60 -5.73
CA GLY A 18 -7.01 -36.61 -6.23
C GLY A 18 -7.28 -35.21 -6.75
N ILE A 19 -8.55 -34.87 -6.91
CA ILE A 19 -8.93 -33.57 -7.47
C ILE A 19 -8.46 -32.50 -6.46
N VAL A 20 -7.85 -31.45 -6.98
CA VAL A 20 -7.30 -30.40 -6.11
C VAL A 20 -7.74 -29.05 -6.68
N GLU A 21 -8.00 -28.14 -5.78
CA GLU A 21 -8.34 -26.76 -6.20
C GLU A 21 -7.70 -25.87 -5.16
N TYR A 22 -7.69 -24.56 -5.44
CA TYR A 22 -7.18 -23.63 -4.45
C TYR A 22 -7.73 -22.26 -4.67
N LYS A 23 -7.60 -21.42 -3.66
CA LYS A 23 -8.03 -20.01 -3.82
C LYS A 23 -7.25 -19.17 -2.87
N GLY A 24 -7.39 -17.86 -3.12
CA GLY A 24 -6.76 -16.78 -2.40
C GLY A 24 -7.91 -15.90 -1.93
N VAL A 25 -7.95 -15.63 -0.64
CA VAL A 25 -9.00 -14.75 -0.08
C VAL A 25 -8.42 -13.62 0.73
N ASP A 26 -9.13 -12.48 0.77
CA ASP A 26 -8.78 -11.39 1.66
C ASP A 26 -8.95 -12.00 3.05
N THR A 27 -7.89 -11.99 3.86
CA THR A 27 -7.90 -12.50 5.25
C THR A 27 -9.02 -11.92 6.16
N LYS A 28 -9.26 -10.63 5.98
CA LYS A 28 -10.28 -9.90 6.73
C LYS A 28 -11.72 -10.13 6.19
N THR A 29 -11.97 -9.83 4.90
CA THR A 29 -13.33 -9.79 4.31
C THR A 29 -13.79 -11.13 3.75
N GLY A 30 -12.83 -12.05 3.50
CA GLY A 30 -13.10 -13.38 3.05
C GLY A 30 -13.40 -13.33 1.58
N GLU A 31 -13.41 -12.12 1.04
CA GLU A 31 -13.55 -11.92 -0.40
C GLU A 31 -12.54 -12.81 -1.14
N VAL A 32 -13.07 -13.53 -2.14
CA VAL A 32 -12.27 -14.39 -3.01
C VAL A 32 -11.61 -13.60 -4.09
N LEU A 33 -10.29 -13.58 -4.02
CA LEU A 33 -9.52 -12.73 -4.90
C LEU A 33 -9.09 -13.50 -6.12
N PHE A 34 -8.92 -14.82 -5.98
CA PHE A 34 -8.66 -15.66 -7.17
C PHE A 34 -9.01 -17.07 -6.79
N GLU A 35 -9.25 -17.91 -7.78
CA GLU A 35 -9.57 -19.32 -7.50
C GLU A 35 -9.20 -20.08 -8.72
N ARG A 36 -8.77 -21.32 -8.48
CA ARG A 36 -8.39 -22.19 -9.53
C ARG A 36 -9.44 -23.26 -9.48
N GLU A 37 -10.02 -23.54 -10.63
CA GLU A 37 -11.01 -24.60 -10.70
C GLU A 37 -10.30 -25.95 -10.56
N PRO A 38 -11.09 -26.96 -10.20
CA PRO A 38 -10.55 -28.27 -9.87
C PRO A 38 -9.56 -28.80 -10.94
N ILE A 39 -8.40 -29.31 -10.52
CA ILE A 39 -7.41 -29.96 -11.39
C ILE A 39 -7.63 -31.46 -11.14
N PRO A 40 -7.83 -32.27 -12.20
CA PRO A 40 -8.30 -33.64 -11.89
C PRO A 40 -7.35 -34.49 -11.03
N ILE A 41 -6.02 -34.33 -11.21
CA ILE A 41 -5.11 -35.01 -10.31
C ILE A 41 -4.01 -34.14 -9.77
N GLY A 42 -3.87 -34.06 -8.46
CA GLY A 42 -2.72 -33.37 -7.87
C GLY A 42 -2.60 -33.84 -6.40
N THR A 43 -1.71 -33.23 -5.62
CA THR A 43 -1.67 -33.49 -4.18
C THR A 43 -1.93 -32.18 -3.44
N ASN A 44 -2.24 -32.31 -2.13
CA ASN A 44 -2.45 -31.14 -1.28
C ASN A 44 -1.25 -30.20 -1.40
N ASN A 45 -0.05 -30.78 -1.28
CA ASN A 45 1.16 -29.95 -1.21
C ASN A 45 1.43 -29.26 -2.55
N MET A 46 1.25 -29.97 -3.65
CA MET A 46 1.44 -29.30 -4.97
C MET A 46 0.40 -28.18 -5.13
N GLY A 47 -0.87 -28.43 -4.74
CA GLY A 47 -1.94 -27.41 -4.91
C GLY A 47 -1.63 -26.15 -4.05
N GLU A 48 -1.11 -26.38 -2.83
CA GLU A 48 -0.85 -25.26 -1.93
C GLU A 48 0.38 -24.53 -2.42
N PHE A 49 1.36 -25.20 -2.98
CA PHE A 49 2.50 -24.55 -3.59
C PHE A 49 2.05 -23.66 -4.75
N LEU A 50 1.20 -24.14 -5.62
CA LEU A 50 0.66 -23.31 -6.67
C LEU A 50 -0.14 -22.11 -6.13
N ALA A 51 -0.91 -22.31 -5.07
CA ALA A 51 -1.76 -21.26 -4.51
C ALA A 51 -0.86 -20.16 -4.01
N ILE A 52 0.23 -20.52 -3.27
CA ILE A 52 1.17 -19.48 -2.83
C ILE A 52 1.78 -18.71 -4.06
N VAL A 53 2.29 -19.44 -5.07
CA VAL A 53 3.02 -18.71 -6.17
C VAL A 53 1.93 -17.88 -6.92
N HIS A 54 0.74 -18.43 -7.12
CA HIS A 54 -0.33 -17.56 -7.76
C HIS A 54 -0.56 -16.28 -6.92
N GLY A 55 -0.55 -16.40 -5.60
CA GLY A 55 -0.75 -15.26 -4.74
C GLY A 55 0.37 -14.23 -4.89
N LEU A 56 1.58 -14.74 -5.04
CA LEU A 56 2.73 -13.86 -5.29
C LEU A 56 2.58 -13.08 -6.60
N ARG A 57 2.18 -13.79 -7.66
CA ARG A 57 2.03 -13.16 -8.98
C ARG A 57 0.92 -12.14 -8.95
N TYR A 58 -0.17 -12.49 -8.23
CA TYR A 58 -1.36 -11.63 -8.09
C TYR A 58 -1.03 -10.32 -7.38
N LEU A 59 -0.31 -10.42 -6.28
CA LEU A 59 0.01 -9.25 -5.51
C LEU A 59 1.08 -8.39 -6.21
N LYS A 60 2.10 -9.05 -6.74
CA LYS A 60 3.10 -8.32 -7.53
C LYS A 60 2.45 -7.51 -8.64
N GLU A 61 1.45 -8.07 -9.32
CA GLU A 61 0.82 -7.40 -10.47
C GLU A 61 0.15 -6.12 -9.98
N ARG A 62 -0.36 -6.21 -8.76
CA ARG A 62 -1.22 -5.19 -8.20
C ARG A 62 -0.36 -4.21 -7.47
N ASN A 63 0.95 -4.39 -7.51
CA ASN A 63 1.90 -3.60 -6.70
C ASN A 63 1.54 -3.61 -5.23
N SER A 64 1.08 -4.73 -4.73
CA SER A 64 0.62 -4.78 -3.33
C SER A 64 1.76 -5.14 -2.39
N ARG A 65 1.76 -4.45 -1.23
CA ARG A 65 2.70 -4.80 -0.12
C ARG A 65 2.15 -5.94 0.88
N LYS A 66 0.94 -6.43 0.62
CA LYS A 66 0.37 -7.45 1.55
C LYS A 66 1.14 -8.83 1.70
N PRO A 67 1.26 -9.37 2.93
CA PRO A 67 1.81 -10.73 3.05
C PRO A 67 0.80 -11.77 2.73
N ILE A 68 1.31 -12.96 2.47
CA ILE A 68 0.49 -14.14 2.25
C ILE A 68 0.57 -15.03 3.52
N TYR A 69 -0.57 -15.55 3.95
CA TYR A 69 -0.60 -16.63 4.98
C TYR A 69 -0.93 -17.95 4.32
N SER A 70 -0.29 -19.00 4.84
CA SER A 70 -0.58 -20.41 4.47
C SER A 70 -0.44 -21.22 5.76
N ASN A 71 -1.27 -22.29 5.92
CA ASN A 71 -1.09 -23.16 7.06
C ASN A 71 -0.13 -24.34 6.75
N SER A 72 0.57 -24.28 5.59
CA SER A 72 1.35 -25.46 5.17
C SER A 72 2.86 -25.19 5.34
N GLN A 73 3.49 -25.84 6.31
CA GLN A 73 4.95 -25.76 6.46
C GLN A 73 5.57 -26.23 5.18
N THR A 74 5.03 -27.30 4.58
CA THR A 74 5.63 -27.86 3.38
C THR A 74 5.60 -26.90 2.23
N ALA A 75 4.44 -26.35 1.92
CA ALA A 75 4.36 -25.43 0.74
C ALA A 75 5.11 -24.15 0.93
N ILE A 76 5.16 -23.67 2.18
CA ILE A 76 6.01 -22.44 2.43
C ILE A 76 7.46 -22.79 2.15
N LYS A 77 7.92 -23.95 2.64
CA LYS A 77 9.34 -24.34 2.48
C LYS A 77 9.65 -24.56 1.00
N TRP A 78 8.72 -25.17 0.25
CA TRP A 78 8.92 -25.41 -1.22
C TRP A 78 9.05 -24.07 -1.97
N VAL A 79 8.23 -23.11 -1.56
CA VAL A 79 8.33 -21.77 -2.18
C VAL A 79 9.69 -21.12 -1.86
N LYS A 80 10.06 -21.14 -0.59
CA LYS A 80 11.41 -20.64 -0.19
C LYS A 80 12.53 -21.29 -0.98
N ASP A 81 12.47 -22.62 -1.11
CA ASP A 81 13.47 -23.40 -1.84
C ASP A 81 13.41 -23.32 -3.35
N LYS A 82 12.33 -22.67 -3.83
CA LYS A 82 12.04 -22.57 -5.27
C LYS A 82 11.98 -23.98 -5.86
N LYS A 83 11.55 -24.92 -5.04
CA LYS A 83 11.48 -26.30 -5.49
C LYS A 83 10.41 -27.08 -4.78
N ALA A 84 9.54 -27.60 -5.61
CA ALA A 84 8.44 -28.47 -5.04
C ALA A 84 8.82 -29.92 -5.01
N LYS A 85 9.15 -30.44 -3.82
CA LYS A 85 9.73 -31.75 -3.68
C LYS A 85 8.63 -32.80 -3.53
N SER A 86 7.79 -32.83 -4.58
CA SER A 86 6.64 -33.77 -4.58
C SER A 86 7.11 -35.16 -5.03
N THR A 87 6.51 -36.17 -4.42
CA THR A 87 6.63 -37.62 -4.83
C THR A 87 5.61 -38.02 -5.91
N LEU A 88 4.74 -37.10 -6.34
CA LEU A 88 3.65 -37.47 -7.29
C LEU A 88 4.31 -37.96 -8.57
N VAL A 89 4.00 -39.19 -8.99
CA VAL A 89 4.49 -39.69 -10.30
C VAL A 89 4.25 -38.70 -11.46
N ARG A 90 5.21 -38.62 -12.39
CA ARG A 90 5.02 -37.91 -13.62
C ARG A 90 4.49 -38.90 -14.70
N ASN A 91 3.22 -38.80 -15.03
CA ASN A 91 2.66 -39.63 -16.14
C ASN A 91 1.65 -38.80 -16.88
N GLU A 92 0.87 -39.45 -17.74
CA GLU A 92 -0.03 -38.70 -18.63
C GLU A 92 -1.08 -37.98 -17.80
N GLU A 93 -1.58 -38.64 -16.73
CA GLU A 93 -2.64 -38.06 -15.90
C GLU A 93 -2.13 -36.97 -14.95
N THR A 94 -0.85 -36.97 -14.65
CA THR A 94 -0.38 -35.92 -13.75
C THR A 94 0.35 -34.83 -14.56
N ALA A 95 0.29 -34.91 -15.89
CA ALA A 95 1.05 -33.94 -16.68
C ALA A 95 0.61 -32.48 -16.42
N LEU A 96 -0.67 -32.21 -16.17
CA LEU A 96 -1.14 -30.83 -16.04
C LEU A 96 -0.60 -30.25 -14.72
N ILE A 97 -0.81 -30.96 -13.60
CA ILE A 97 -0.37 -30.39 -12.34
C ILE A 97 1.17 -30.25 -12.42
N TRP A 98 1.90 -31.18 -13.07
CA TRP A 98 3.37 -31.04 -13.09
C TRP A 98 3.79 -29.87 -13.98
N LYS A 99 3.03 -29.65 -15.06
CA LYS A 99 3.38 -28.52 -15.97
C LYS A 99 3.24 -27.21 -15.11
N LEU A 100 2.13 -27.10 -14.39
CA LEU A 100 1.88 -25.89 -13.58
C LEU A 100 2.96 -25.72 -12.49
N VAL A 101 3.31 -26.79 -11.80
CA VAL A 101 4.35 -26.74 -10.78
C VAL A 101 5.66 -26.34 -11.44
N ASP A 102 6.02 -27.02 -12.52
CA ASP A 102 7.30 -26.69 -13.19
C ASP A 102 7.34 -25.18 -13.55
N GLU A 103 6.25 -24.65 -14.06
CA GLU A 103 6.20 -23.28 -14.52
C GLU A 103 6.19 -22.33 -13.28
N ALA A 104 5.61 -22.78 -12.15
CA ALA A 104 5.64 -21.93 -10.96
C ALA A 104 7.08 -21.89 -10.44
N GLU A 105 7.77 -23.02 -10.43
CA GLU A 105 9.22 -22.97 -10.07
C GLU A 105 10.01 -22.00 -10.98
N GLU A 106 9.79 -22.09 -12.31
CA GLU A 106 10.49 -21.19 -13.22
C GLU A 106 10.16 -19.73 -12.88
N TRP A 107 8.90 -19.43 -12.58
CA TRP A 107 8.52 -18.06 -12.17
C TRP A 107 9.39 -17.60 -10.97
N LEU A 108 9.48 -18.47 -9.96
CA LEU A 108 10.18 -18.18 -8.75
C LEU A 108 11.66 -17.94 -9.04
N ASN A 109 12.17 -18.70 -9.98
CA ASN A 109 13.61 -18.61 -10.36
C ASN A 109 14.00 -17.36 -11.19
N THR A 110 12.98 -16.69 -11.72
CA THR A 110 13.19 -15.60 -12.65
C THR A 110 12.50 -14.30 -12.22
N HIS A 111 11.97 -14.22 -11.00
CA HIS A 111 11.39 -12.95 -10.54
C HIS A 111 11.81 -12.72 -9.12
N THR A 112 11.87 -11.47 -8.68
CA THR A 112 12.00 -11.18 -7.23
C THR A 112 10.61 -10.71 -6.76
N TYR A 113 10.43 -10.72 -5.46
CA TYR A 113 9.15 -10.36 -4.89
C TYR A 113 9.43 -10.00 -3.45
N GLU A 114 8.59 -9.13 -2.90
CA GLU A 114 8.87 -8.66 -1.55
C GLU A 114 7.82 -9.26 -0.56
N THR A 115 6.83 -9.96 -1.10
CA THR A 115 5.74 -10.43 -0.26
C THR A 115 6.31 -11.35 0.84
N PRO A 116 6.07 -11.03 2.13
CA PRO A 116 6.36 -12.02 3.18
C PRO A 116 5.38 -13.21 3.10
N ILE A 117 5.92 -14.39 3.26
CA ILE A 117 5.11 -15.62 3.25
C ILE A 117 5.09 -16.15 4.67
N LEU A 118 3.95 -16.06 5.35
CA LEU A 118 3.93 -16.30 6.80
C LEU A 118 3.04 -17.55 7.10
N LYS A 119 3.43 -18.25 8.16
CA LYS A 119 2.75 -19.44 8.60
C LYS A 119 1.50 -19.03 9.42
N TRP A 120 0.34 -19.55 9.00
CA TRP A 120 -0.91 -19.35 9.73
C TRP A 120 -0.95 -20.36 10.89
N GLN A 121 -1.11 -19.88 12.13
CA GLN A 121 -1.06 -20.70 13.33
C GLN A 121 -2.45 -21.15 13.72
N THR A 122 -2.90 -22.22 13.08
CA THR A 122 -4.27 -22.66 13.20
C THR A 122 -4.63 -22.97 14.67
N ASP A 123 -3.68 -23.49 15.43
CA ASP A 123 -3.97 -23.89 16.83
C ASP A 123 -4.22 -22.74 17.75
N LYS A 124 -3.73 -21.57 17.36
CA LYS A 124 -3.99 -20.34 18.12
C LYS A 124 -5.06 -19.45 17.47
N TRP A 125 -5.17 -19.47 16.14
CA TRP A 125 -5.93 -18.42 15.43
C TRP A 125 -7.18 -18.96 14.73
N GLY A 126 -7.43 -20.23 14.93
CA GLY A 126 -8.53 -20.96 14.24
C GLY A 126 -8.15 -21.28 12.78
N GLU A 127 -9.15 -21.66 11.99
CA GLU A 127 -8.91 -22.18 10.61
C GLU A 127 -8.47 -21.04 9.71
N ILE A 128 -7.54 -21.32 8.79
CA ILE A 128 -7.21 -20.34 7.79
C ILE A 128 -8.49 -19.83 7.20
N LYS A 129 -8.54 -18.53 6.93
CA LYS A 129 -9.79 -17.96 6.37
C LYS A 129 -10.25 -18.68 5.11
N ALA A 130 -11.56 -19.01 5.18
CA ALA A 130 -12.39 -19.70 4.17
C ALA A 130 -11.86 -21.12 3.85
N ASP A 131 -11.20 -21.70 4.83
CA ASP A 131 -10.64 -23.10 4.72
C ASP A 131 -11.68 -23.95 4.00
N TYR A 132 -11.25 -24.74 3.03
CA TYR A 132 -12.19 -25.60 2.29
C TYR A 132 -12.75 -26.71 3.21
P DFT B 8 4.39 -43.33 16.85
OP1 DFT B 8 4.37 -43.63 18.28
OP2 DFT B 8 3.45 -43.91 15.89
O5' DFT B 8 4.02 -41.78 16.72
C5' DFT B 8 4.69 -40.81 17.53
C4' DFT B 8 4.34 -39.41 17.01
O4' DFT B 8 4.96 -39.27 15.69
C3' DFT B 8 2.85 -39.09 16.80
O3' DFT B 8 2.59 -37.85 17.51
C2' DFT B 8 2.65 -39.03 15.26
C1' DFT B 8 4.06 -38.64 14.79
C2 DFT B 8 5.00 -37.99 12.60
C4 DFT B 8 4.84 -39.22 10.69
C5 DFT B 8 4.19 -40.20 11.39
C5M DFT B 8 3.78 -41.48 10.65
C6 DFT B 8 3.90 -40.02 12.69
F4 DFT B 8 5.10 -39.40 9.39
C3 DFT B 8 5.27 -38.17 11.34
F2 DFT B 8 5.33 -36.83 13.13
C1 DFT B 8 4.33 -38.94 13.32
N GLU C 1 1.85 32.19 21.23
CA GLU C 1 0.42 32.64 21.12
C GLU C 1 0.11 32.23 19.70
N ILE C 2 -0.96 32.76 19.12
CA ILE C 2 -1.37 32.28 17.81
C ILE C 2 -1.41 33.53 16.95
N ILE C 3 -0.87 33.41 15.72
CA ILE C 3 -0.91 34.52 14.81
C ILE C 3 -2.16 34.34 13.99
N TRP C 4 -3.21 35.03 14.39
CA TRP C 4 -4.51 34.78 13.72
C TRP C 4 -4.58 35.22 12.28
N GLU C 5 -3.82 36.27 11.91
CA GLU C 5 -3.76 36.66 10.52
C GLU C 5 -2.75 35.82 9.82
N SER C 6 -3.23 34.63 9.42
CA SER C 6 -2.28 33.65 8.85
C SER C 6 -3.11 32.72 8.00
N LEU C 7 -2.39 31.82 7.32
CA LEU C 7 -3.02 30.83 6.46
C LEU C 7 -2.80 29.45 7.17
N SER C 8 -3.86 28.65 7.23
CA SER C 8 -3.69 27.26 7.75
C SER C 8 -3.94 26.34 6.55
N VAL C 9 -3.09 25.31 6.42
CA VAL C 9 -3.19 24.37 5.27
C VAL C 9 -3.41 22.98 5.85
N ASP C 10 -4.29 22.25 5.18
CA ASP C 10 -4.70 20.96 5.75
C ASP C 10 -4.84 19.96 4.58
N VAL C 11 -4.56 18.72 4.89
CA VAL C 11 -4.67 17.59 3.91
C VAL C 11 -5.92 16.78 4.31
N GLY C 12 -6.62 16.23 3.31
CA GLY C 12 -7.72 15.33 3.52
C GLY C 12 -7.28 14.00 2.88
N SER C 13 -7.35 12.92 3.70
CA SER C 13 -6.81 11.59 3.33
C SER C 13 -7.51 10.66 4.31
N GLN C 14 -8.24 9.69 3.78
CA GLN C 14 -8.79 8.51 4.61
C GLN C 14 -7.75 7.38 4.41
N GLY C 15 -8.02 6.56 3.39
CA GLY C 15 -7.07 5.55 2.92
C GLY C 15 -5.74 6.18 2.54
N ASN C 16 -4.66 5.62 3.05
CA ASN C 16 -3.31 6.24 2.95
C ASN C 16 -2.29 5.08 2.81
N PRO C 17 -1.68 4.86 1.59
CA PRO C 17 -1.96 5.71 0.44
C PRO C 17 -3.38 5.60 -0.10
N GLY C 18 -3.86 6.63 -0.77
CA GLY C 18 -5.18 6.62 -1.37
C GLY C 18 -5.49 8.04 -1.84
N ILE C 19 -6.77 8.36 -1.90
CA ILE C 19 -7.19 9.62 -2.46
C ILE C 19 -6.75 10.68 -1.48
N VAL C 20 -6.22 11.75 -2.06
CA VAL C 20 -5.74 12.86 -1.21
C VAL C 20 -6.21 14.22 -1.82
N GLU C 21 -6.56 15.14 -0.95
CA GLU C 21 -6.95 16.49 -1.38
C GLU C 21 -6.33 17.44 -0.36
N TYR C 22 -6.43 18.75 -0.65
CA TYR C 22 -5.95 19.71 0.34
C TYR C 22 -6.50 21.07 0.14
N LYS C 23 -6.40 21.89 1.17
CA LYS C 23 -6.91 23.26 1.09
C LYS C 23 -6.18 24.17 1.98
N GLY C 24 -6.29 25.44 1.63
CA GLY C 24 -5.68 26.48 2.49
C GLY C 24 -6.74 27.47 2.88
N VAL C 25 -6.82 27.75 4.18
CA VAL C 25 -7.88 28.69 4.68
C VAL C 25 -7.33 29.81 5.52
N ASP C 26 -8.09 30.93 5.59
CA ASP C 26 -7.76 32.02 6.44
C ASP C 26 -7.99 31.53 7.89
N THR C 27 -6.93 31.56 8.68
CA THR C 27 -6.98 31.02 10.06
C THR C 27 -8.04 31.67 10.96
N LYS C 28 -8.30 32.92 10.65
CA LYS C 28 -9.30 33.70 11.42
C LYS C 28 -10.73 33.46 10.87
N THR C 29 -10.95 33.69 9.58
CA THR C 29 -12.30 33.64 9.09
C THR C 29 -12.74 32.29 8.61
N GLY C 30 -11.79 31.37 8.36
CA GLY C 30 -12.07 30.07 7.73
C GLY C 30 -12.38 30.15 6.22
N GLU C 31 -12.26 31.35 5.64
CA GLU C 31 -12.45 31.56 4.19
C GLU C 31 -11.53 30.59 3.44
N VAL C 32 -12.10 29.84 2.51
CA VAL C 32 -11.23 28.94 1.69
C VAL C 32 -10.51 29.76 0.63
N LEU C 33 -9.20 29.74 0.72
CA LEU C 33 -8.38 30.58 -0.17
C LEU C 33 -7.88 29.84 -1.40
N PHE C 34 -7.64 28.52 -1.22
CA PHE C 34 -7.38 27.66 -2.34
C PHE C 34 -7.74 26.23 -1.96
N GLU C 35 -7.93 25.37 -2.97
CA GLU C 35 -8.32 23.96 -2.70
C GLU C 35 -7.91 23.11 -3.91
N ARG C 36 -7.39 21.94 -3.64
CA ARG C 36 -7.01 20.98 -4.65
C ARG C 36 -8.00 19.85 -4.53
N GLU C 37 -8.61 19.60 -5.65
CA GLU C 37 -9.60 18.50 -5.74
C GLU C 37 -8.87 17.16 -5.64
N PRO C 38 -9.60 16.07 -5.41
CA PRO C 38 -8.97 14.84 -5.02
C PRO C 38 -7.97 14.31 -6.09
N ILE C 39 -6.79 13.91 -5.61
CA ILE C 39 -5.80 13.21 -6.42
C ILE C 39 -5.95 11.69 -6.09
N PRO C 40 -6.20 10.83 -7.11
CA PRO C 40 -6.54 9.44 -6.86
C PRO C 40 -5.58 8.65 -5.93
N ILE C 41 -4.28 8.90 -6.07
CA ILE C 41 -3.32 8.20 -5.26
C ILE C 41 -2.24 9.13 -4.75
N GLY C 42 -2.19 9.28 -3.44
CA GLY C 42 -1.08 10.02 -2.81
C GLY C 42 -0.95 9.52 -1.37
N THR C 43 -0.08 10.15 -0.60
CA THR C 43 -0.02 9.89 0.83
C THR C 43 -0.44 11.14 1.57
N ASN C 44 -0.86 10.98 2.84
CA ASN C 44 -1.05 12.16 3.68
C ASN C 44 0.13 13.19 3.64
N ASN C 45 1.34 12.68 3.79
CA ASN C 45 2.49 13.63 3.94
C ASN C 45 2.77 14.29 2.56
N MET C 46 2.72 13.53 1.48
CA MET C 46 2.85 14.20 0.17
C MET C 46 1.77 15.27 -0.07
N GLY C 47 0.57 14.99 0.33
CA GLY C 47 -0.52 15.93 0.12
C GLY C 47 -0.28 17.23 0.98
N GLU C 48 0.14 17.04 2.25
CA GLU C 48 0.32 18.17 3.13
C GLU C 48 1.55 18.90 2.67
N PHE C 49 2.55 18.24 2.11
CA PHE C 49 3.71 18.97 1.57
C PHE C 49 3.32 19.84 0.40
N LEU C 50 2.48 19.32 -0.51
CA LEU C 50 1.91 20.12 -1.64
C LEU C 50 1.11 21.28 -1.08
N ALA C 51 0.37 21.04 0.00
CA ALA C 51 -0.47 22.14 0.53
C ALA C 51 0.39 23.28 1.03
N ILE C 52 1.45 22.93 1.76
CA ILE C 52 2.32 23.99 2.27
C ILE C 52 2.98 24.76 1.09
N VAL C 53 3.53 24.05 0.09
CA VAL C 53 4.21 24.76 -1.03
C VAL C 53 3.14 25.56 -1.82
N HIS C 54 1.93 25.01 -2.00
CA HIS C 54 0.89 25.86 -2.69
C HIS C 54 0.65 27.12 -1.87
N GLY C 55 0.60 26.95 -0.54
CA GLY C 55 0.42 28.14 0.29
C GLY C 55 1.52 29.16 0.10
N LEU C 56 2.79 28.68 0.03
CA LEU C 56 3.88 29.63 -0.14
C LEU C 56 3.76 30.38 -1.47
N ARG C 57 3.43 29.63 -2.52
CA ARG C 57 3.16 30.26 -3.87
C ARG C 57 2.07 31.29 -3.83
N TYR C 58 0.98 30.94 -3.12
CA TYR C 58 -0.20 31.76 -3.08
C TYR C 58 0.14 33.03 -2.34
N LEU C 59 0.90 32.93 -1.26
CA LEU C 59 1.23 34.16 -0.48
C LEU C 59 2.27 34.96 -1.24
N LYS C 60 3.22 34.32 -1.89
CA LYS C 60 4.27 35.13 -2.58
C LYS C 60 3.60 35.91 -3.72
N GLU C 61 2.66 35.30 -4.43
CA GLU C 61 2.00 35.99 -5.56
C GLU C 61 1.23 37.23 -5.08
N ARG C 62 0.72 37.18 -3.87
CA ARG C 62 0.03 38.29 -3.26
C ARG C 62 0.92 39.18 -2.42
N ASN C 63 2.23 39.00 -2.45
CA ASN C 63 3.14 39.77 -1.57
C ASN C 63 2.70 39.84 -0.13
N SER C 64 2.21 38.72 0.34
CA SER C 64 1.68 38.67 1.72
C SER C 64 2.80 38.31 2.68
N ARG C 65 2.77 38.89 3.87
CA ARG C 65 3.70 38.56 4.91
C ARG C 65 3.11 37.58 5.91
N LYS C 66 1.94 37.05 5.63
CA LYS C 66 1.32 36.16 6.64
C LYS C 66 2.10 34.85 6.79
N PRO C 67 2.10 34.24 8.00
CA PRO C 67 2.68 32.87 8.09
C PRO C 67 1.71 31.79 7.72
N ILE C 68 2.25 30.59 7.50
CA ILE C 68 1.45 29.37 7.30
C ILE C 68 1.50 28.50 8.54
N TYR C 69 0.31 27.95 8.92
CA TYR C 69 0.33 26.90 9.96
C TYR C 69 0.04 25.55 9.35
N SER C 70 0.73 24.54 9.88
CA SER C 70 0.46 23.13 9.50
C SER C 70 0.54 22.35 10.77
N ASN C 71 -0.27 21.28 10.94
CA ASN C 71 -0.07 20.46 12.12
C ASN C 71 0.82 19.27 11.84
N SER C 72 1.63 19.31 10.74
CA SER C 72 2.36 18.10 10.30
C SER C 72 3.86 18.37 10.48
N GLN C 73 4.38 17.72 11.53
CA GLN C 73 5.86 17.73 11.76
C GLN C 73 6.62 17.39 10.49
N THR C 74 6.14 16.32 9.86
CA THR C 74 6.78 15.76 8.65
C THR C 74 6.71 16.72 7.50
N ALA C 75 5.53 17.21 7.14
CA ALA C 75 5.46 18.07 5.94
C ALA C 75 6.26 19.40 6.21
N ILE C 76 6.26 19.92 7.45
CA ILE C 76 7.02 21.16 7.69
C ILE C 76 8.51 20.84 7.48
N LYS C 77 8.96 19.70 7.99
CA LYS C 77 10.38 19.34 7.83
C LYS C 77 10.77 19.23 6.34
N TRP C 78 9.96 18.52 5.56
CA TRP C 78 10.23 18.35 4.16
C TRP C 78 10.35 19.68 3.41
N VAL C 79 9.43 20.61 3.75
CA VAL C 79 9.50 21.95 3.10
C VAL C 79 10.83 22.60 3.53
N LYS C 80 11.17 22.56 4.83
CA LYS C 80 12.47 23.14 5.32
C LYS C 80 13.64 22.62 4.57
N ASP C 81 13.63 21.30 4.40
CA ASP C 81 14.70 20.55 3.71
C ASP C 81 14.68 20.69 2.20
N LYS C 82 13.55 21.20 1.70
CA LYS C 82 13.28 21.23 0.25
C LYS C 82 13.36 19.82 -0.38
N LYS C 83 12.88 18.85 0.40
CA LYS C 83 13.00 17.49 0.00
C LYS C 83 11.92 16.67 0.67
N ALA C 84 11.08 16.11 -0.16
CA ALA C 84 10.00 15.18 0.30
C ALA C 84 10.37 13.73 0.40
N LYS C 85 10.72 13.28 1.62
CA LYS C 85 11.37 12.01 1.81
C LYS C 85 10.28 10.94 1.93
N SER C 86 9.44 10.91 0.90
CA SER C 86 8.38 9.92 0.82
C SER C 86 8.84 8.51 0.44
N THR C 87 8.23 7.50 1.04
CA THR C 87 8.42 6.07 0.69
C THR C 87 7.48 5.61 -0.40
N LEU C 88 6.59 6.49 -0.89
CA LEU C 88 5.65 6.04 -1.89
C LEU C 88 6.40 5.58 -3.16
N VAL C 89 6.14 4.35 -3.59
CA VAL C 89 6.65 3.81 -4.89
C VAL C 89 6.36 4.74 -6.08
N ARG C 90 7.33 4.80 -7.00
CA ARG C 90 7.13 5.59 -8.24
C ARG C 90 6.79 4.56 -9.31
N ASN C 91 5.51 4.49 -9.64
CA ASN C 91 5.05 3.70 -10.76
C ASN C 91 3.97 4.49 -11.43
N GLU C 92 3.25 3.85 -12.35
CA GLU C 92 2.40 4.67 -13.24
C GLU C 92 1.17 5.22 -12.51
N GLU C 93 0.72 4.51 -11.47
CA GLU C 93 -0.39 5.00 -10.65
C GLU C 93 -0.02 6.20 -9.75
N THR C 94 1.23 6.30 -9.36
CA THR C 94 1.66 7.34 -8.46
C THR C 94 2.39 8.44 -9.28
N ALA C 95 2.36 8.37 -10.61
CA ALA C 95 3.07 9.39 -11.43
C ALA C 95 2.58 10.80 -11.24
N LEU C 96 1.25 10.97 -11.14
CA LEU C 96 0.75 12.37 -10.94
C LEU C 96 1.20 12.97 -9.60
N ILE C 97 1.06 12.26 -8.47
CA ILE C 97 1.40 12.88 -7.19
C ILE C 97 2.94 13.13 -7.18
N TRP C 98 3.71 12.21 -7.75
CA TRP C 98 5.15 12.37 -7.77
C TRP C 98 5.52 13.55 -8.68
N LYS C 99 4.80 13.69 -9.81
CA LYS C 99 5.06 14.85 -10.68
C LYS C 99 4.87 16.16 -9.92
N LEU C 100 3.79 16.23 -9.18
CA LEU C 100 3.50 17.47 -8.41
C LEU C 100 4.57 17.68 -7.28
N VAL C 101 4.90 16.62 -6.54
CA VAL C 101 5.95 16.68 -5.46
C VAL C 101 7.25 17.13 -6.11
N ASP C 102 7.66 16.49 -7.20
CA ASP C 102 8.94 16.83 -7.80
C ASP C 102 8.99 18.32 -8.18
N GLU C 103 7.90 18.80 -8.78
CA GLU C 103 7.83 20.18 -9.21
C GLU C 103 7.69 21.14 -8.02
N ALA C 104 7.11 20.68 -6.92
CA ALA C 104 7.05 21.49 -5.71
C ALA C 104 8.48 21.62 -5.10
N GLU C 105 9.26 20.52 -5.05
CA GLU C 105 10.67 20.62 -4.65
C GLU C 105 11.46 21.59 -5.54
N GLU C 106 11.26 21.49 -6.85
CA GLU C 106 11.97 22.38 -7.79
C GLU C 106 11.58 23.82 -7.52
N TRP C 107 10.27 24.08 -7.26
CA TRP C 107 9.90 25.47 -6.91
C TRP C 107 10.64 25.96 -5.67
N LEU C 108 10.66 25.14 -4.63
CA LEU C 108 11.36 25.57 -3.38
C LEU C 108 12.84 25.85 -3.68
N ASN C 109 13.42 25.01 -4.55
CA ASN C 109 14.85 25.18 -4.84
C ASN C 109 15.20 26.40 -5.69
N THR C 110 14.20 27.01 -6.34
CA THR C 110 14.47 28.12 -7.29
C THR C 110 13.78 29.41 -6.87
N HIS C 111 13.16 29.48 -5.66
CA HIS C 111 12.48 30.72 -5.22
C HIS C 111 12.87 30.99 -3.80
N THR C 112 12.96 32.24 -3.40
CA THR C 112 13.14 32.49 -1.98
C THR C 112 11.77 33.00 -1.45
N TYR C 113 11.61 32.88 -0.14
CA TYR C 113 10.37 33.29 0.51
C TYR C 113 10.66 33.60 1.95
N GLU C 114 9.87 34.46 2.60
CA GLU C 114 10.21 34.80 3.98
C GLU C 114 9.12 34.24 4.91
N THR C 115 8.13 33.64 4.27
CA THR C 115 6.89 33.10 5.04
C THR C 115 7.37 32.19 6.14
N PRO C 116 7.01 32.50 7.41
CA PRO C 116 7.29 31.53 8.47
C PRO C 116 6.35 30.33 8.30
N ILE C 117 6.89 29.14 8.47
CA ILE C 117 6.05 27.91 8.47
C ILE C 117 6.04 27.42 9.89
N LEU C 118 4.87 27.55 10.49
CA LEU C 118 4.70 27.34 11.94
C LEU C 118 3.93 26.07 12.28
N LYS C 119 4.27 25.44 13.41
CA LYS C 119 3.56 24.19 13.76
C LYS C 119 2.29 24.57 14.51
N TRP C 120 1.16 24.02 14.02
CA TRP C 120 -0.09 24.25 14.73
C TRP C 120 -0.18 23.22 15.88
N GLN C 121 -0.44 23.72 17.08
CA GLN C 121 -0.35 22.90 18.33
C GLN C 121 -1.76 22.43 18.68
N THR C 122 -2.20 21.32 18.09
CA THR C 122 -3.59 20.82 18.20
C THR C 122 -3.91 20.57 19.65
N ASP C 123 -2.94 20.02 20.41
CA ASP C 123 -3.26 19.63 21.77
C ASP C 123 -3.54 20.84 22.68
N LYS C 124 -3.14 22.05 22.29
CA LYS C 124 -3.49 23.28 22.97
C LYS C 124 -4.55 24.14 22.32
N TRP C 125 -4.57 24.08 20.97
CA TRP C 125 -5.33 25.14 20.28
C TRP C 125 -6.53 24.53 19.56
N GLY C 126 -6.77 23.24 19.76
CA GLY C 126 -7.87 22.53 19.05
C GLY C 126 -7.45 22.19 17.60
N GLU C 127 -8.42 21.82 16.79
CA GLU C 127 -8.02 21.26 15.41
C GLU C 127 -7.67 22.45 14.56
N ILE C 128 -6.73 22.19 13.66
CA ILE C 128 -6.47 23.25 12.70
C ILE C 128 -7.72 23.64 11.97
N LYS C 129 -7.80 24.97 11.65
CA LYS C 129 -8.98 25.51 10.98
C LYS C 129 -9.31 24.75 9.73
N ALA C 130 -10.59 24.38 9.73
CA ALA C 130 -11.37 23.69 8.70
C ALA C 130 -10.79 22.26 8.48
N ASP C 131 -10.17 21.68 9.52
CA ASP C 131 -9.55 20.29 9.33
C ASP C 131 -10.62 19.41 8.66
N TYR C 132 -10.19 18.55 7.72
CA TYR C 132 -11.13 17.71 7.01
C TYR C 132 -11.65 16.62 7.95
P DFT D 8 5.41 0.20 21.88
OP1 DFT D 8 5.44 -0.06 23.34
OP2 DFT D 8 4.52 -0.51 20.96
O5' DFT D 8 4.95 1.68 21.63
C5' DFT D 8 5.60 2.64 22.44
C4' DFT D 8 5.23 4.03 21.90
O4' DFT D 8 5.89 4.15 20.64
C3' DFT D 8 3.73 4.33 21.70
O3' DFT D 8 3.57 5.56 22.47
C2' DFT D 8 3.65 4.42 20.16
C1' DFT D 8 5.04 4.92 19.79
C2 DFT D 8 6.10 5.58 17.63
C4 DFT D 8 6.09 4.33 15.78
C5 DFT D 8 5.41 3.39 16.51
C5M DFT D 8 4.92 2.16 15.80
C6 DFT D 8 5.12 3.54 17.77
F4 DFT D 8 6.34 4.10 14.50
C3 DFT D 8 6.45 5.39 16.39
F2 DFT D 8 6.47 6.70 18.26
C1 DFT D 8 5.43 4.64 18.35
C1 GOL E . 1.62 -20.29 -10.26
O1 GOL E . 2.54 -19.89 -11.34
C2 GOL E . 0.16 -20.55 -10.64
O2 GOL E . -0.33 -19.26 -11.14
C3 GOL E . -0.07 -21.96 -11.39
O3 GOL E . -1.42 -22.66 -11.13
C1 GOL F . 2.86 23.18 -5.15
O1 GOL F . 3.96 23.42 -6.18
C2 GOL F . 1.41 23.51 -5.69
O2 GOL F . 1.00 24.91 -5.92
C3 GOL F . 0.97 22.63 -6.81
O3 GOL F . 1.48 21.40 -6.33
C1 GOL G . -0.67 29.37 -6.36
O1 GOL G . -1.57 30.46 -6.10
C2 GOL G . -0.86 28.87 -7.79
O2 GOL G . -0.61 29.95 -8.71
C3 GOL G . 0.06 27.69 -8.04
O3 GOL G . -0.59 26.55 -7.51
C1 GOL H . -10.57 13.82 3.42
O1 GOL H . -10.60 13.93 2.00
C2 GOL H . -11.83 13.38 4.12
O2 GOL H . -12.53 12.46 3.29
C3 GOL H . -11.33 12.60 5.35
O3 GOL H . -10.92 13.43 6.42
#